data_3U9J
#
_entry.id   3U9J
#
_cell.length_a   55.082
_cell.length_b   77.343
_cell.length_c   78.190
_cell.angle_alpha   90.00
_cell.angle_beta   90.00
_cell.angle_gamma   90.00
#
_symmetry.space_group_name_H-M   'P 21 21 2'
#
loop_
_entity.id
_entity.type
_entity.pdbx_description
1 polymer 'F-box/LRR-repeat protein 5'
2 non-polymer 'FE (III) ION'
3 water water
#
_entity_poly.entity_id   1
_entity_poly.type   'polypeptide(L)'
_entity_poly.pdbx_seq_one_letter_code
;(MSE)APFPEEVDVFTAPHWR(MSE)KQLVGLYCDKLSKTNFSNNNDFRALLQSLYATFKEFK(MSE)HEQIENEYIIGL
LQQRSQTIYNVHSDNKLSE(MSE)LSLFEKGLKNVKNEYEQLNYAKQLKERLEAFTRDFLPH(MSE)KEEEEVFQP
(MSE)L(MSE)EYFTYEELKDIKKKVIAQHCS
;
_entity_poly.pdbx_strand_id   A,B
#
loop_
_chem_comp.id
_chem_comp.type
_chem_comp.name
_chem_comp.formula
FE non-polymer 'FE (III) ION' 'Fe 3'
#
# COMPACT_ATOMS: atom_id res chain seq x y z
N PHE A 4 12.19 -3.84 -26.59
CA PHE A 4 13.60 -3.57 -26.31
C PHE A 4 14.43 -4.85 -26.48
N PRO A 5 15.69 -4.70 -26.92
CA PRO A 5 16.59 -5.84 -27.08
C PRO A 5 16.74 -6.61 -25.77
N GLU A 6 16.70 -7.94 -25.85
CA GLU A 6 16.75 -8.78 -24.65
C GLU A 6 17.92 -8.48 -23.73
N GLU A 7 19.10 -8.28 -24.31
CA GLU A 7 20.32 -8.15 -23.51
C GLU A 7 20.38 -6.88 -22.65
N VAL A 8 19.48 -5.93 -22.89
CA VAL A 8 19.40 -4.73 -22.06
C VAL A 8 18.07 -4.63 -21.32
N ASP A 9 17.27 -5.70 -21.38
CA ASP A 9 15.98 -5.75 -20.72
C ASP A 9 16.14 -6.26 -19.28
N VAL A 10 15.99 -5.38 -18.31
CA VAL A 10 16.25 -5.74 -16.92
C VAL A 10 15.03 -6.19 -16.12
N PHE A 11 13.86 -6.18 -16.75
CA PHE A 11 12.61 -6.51 -16.05
C PHE A 11 11.88 -7.75 -16.55
N THR A 12 11.95 -8.01 -17.86
CA THR A 12 11.11 -9.04 -18.46
C THR A 12 11.27 -10.44 -17.88
N ALA A 13 12.50 -10.92 -17.80
CA ALA A 13 12.75 -12.27 -17.29
C ALA A 13 12.36 -12.42 -15.82
N PRO A 14 12.85 -11.52 -14.96
CA PRO A 14 12.42 -11.59 -13.55
C PRO A 14 10.90 -11.55 -13.41
N HIS A 15 10.25 -10.71 -14.20
CA HIS A 15 8.79 -10.60 -14.12
C HIS A 15 8.08 -11.84 -14.65
N TRP A 16 8.71 -12.52 -15.62
CA TRP A 16 8.18 -13.80 -16.08
C TRP A 16 8.09 -14.76 -14.89
N ARG A 17 9.15 -14.79 -14.09
CA ARG A 17 9.20 -15.63 -12.91
C ARG A 17 8.17 -15.20 -11.86
N MSE A 18 8.10 -13.91 -11.58
CA MSE A 18 7.14 -13.42 -10.58
C MSE A 18 5.71 -13.75 -11.01
O MSE A 18 4.89 -14.15 -10.19
CB MSE A 18 7.31 -11.92 -10.32
CG MSE A 18 8.71 -11.49 -9.92
SE MSE A 18 9.53 -12.60 -8.52
CE MSE A 18 11.33 -12.73 -9.26
N LYS A 19 5.42 -13.57 -12.29
CA LYS A 19 4.10 -13.89 -12.82
C LYS A 19 3.80 -15.38 -12.76
N GLN A 20 4.84 -16.18 -12.99
CA GLN A 20 4.74 -17.63 -12.85
C GLN A 20 4.34 -17.97 -11.41
N LEU A 21 4.98 -17.31 -10.46
CA LEU A 21 4.71 -17.56 -9.04
C LEU A 21 3.29 -17.12 -8.64
N VAL A 22 2.82 -16.02 -9.21
CA VAL A 22 1.46 -15.56 -8.94
C VAL A 22 0.46 -16.60 -9.42
N GLY A 23 0.66 -17.07 -10.65
CA GLY A 23 -0.19 -18.10 -11.22
C GLY A 23 -0.21 -19.33 -10.34
N LEU A 24 0.97 -19.71 -9.83
CA LEU A 24 1.08 -20.90 -9.00
C LEU A 24 0.30 -20.77 -7.69
N TYR A 25 0.42 -19.64 -6.99
CA TYR A 25 -0.28 -19.53 -5.72
C TYR A 25 -1.78 -19.32 -5.89
N CYS A 26 -2.18 -18.69 -6.99
CA CYS A 26 -3.60 -18.57 -7.30
C CYS A 26 -4.22 -19.95 -7.52
N ASP A 27 -3.48 -20.81 -8.22
CA ASP A 27 -3.93 -22.18 -8.44
C ASP A 27 -4.02 -22.94 -7.13
N LYS A 28 -2.96 -22.86 -6.32
CA LYS A 28 -2.92 -23.54 -5.04
C LYS A 28 -4.04 -23.05 -4.13
N LEU A 29 -4.25 -21.73 -4.11
CA LEU A 29 -5.29 -21.11 -3.30
C LEU A 29 -6.68 -21.66 -3.65
N SER A 30 -6.95 -21.78 -4.94
CA SER A 30 -8.27 -22.23 -5.41
C SER A 30 -8.54 -23.69 -5.06
N LYS A 31 -7.48 -24.48 -4.95
CA LYS A 31 -7.63 -25.92 -4.71
C LYS A 31 -7.54 -26.27 -3.23
N THR A 32 -7.14 -25.31 -2.41
CA THR A 32 -6.90 -25.57 -1.00
C THR A 32 -8.19 -25.79 -0.21
N ASN A 33 -8.23 -26.86 0.58
CA ASN A 33 -9.32 -27.08 1.52
C ASN A 33 -8.99 -26.44 2.86
N PHE A 34 -9.55 -25.26 3.10
CA PHE A 34 -9.24 -24.47 4.28
C PHE A 34 -9.75 -25.08 5.58
N SER A 35 -10.58 -26.11 5.47
CA SER A 35 -11.07 -26.82 6.65
C SER A 35 -10.06 -27.86 7.12
N ASN A 36 -9.07 -28.15 6.28
CA ASN A 36 -8.04 -29.13 6.60
C ASN A 36 -6.73 -28.46 7.02
N ASN A 37 -6.29 -28.76 8.23
CA ASN A 37 -5.10 -28.12 8.81
C ASN A 37 -3.82 -28.32 7.99
N ASN A 38 -3.67 -29.50 7.41
CA ASN A 38 -2.50 -29.81 6.59
C ASN A 38 -2.47 -29.00 5.29
N ASP A 39 -3.63 -28.91 4.63
CA ASP A 39 -3.76 -28.10 3.43
C ASP A 39 -3.51 -26.63 3.75
N PHE A 40 -4.07 -26.19 4.86
CA PHE A 40 -3.97 -24.81 5.31
C PHE A 40 -2.51 -24.41 5.52
N ARG A 41 -1.79 -25.19 6.33
CA ARG A 41 -0.40 -24.89 6.63
C ARG A 41 0.48 -24.97 5.40
N ALA A 42 0.25 -25.97 4.56
CA ALA A 42 1.02 -26.12 3.32
C ALA A 42 0.87 -24.89 2.43
N LEU A 43 -0.34 -24.36 2.35
CA LEU A 43 -0.59 -23.17 1.54
C LEU A 43 0.20 -21.98 2.08
N LEU A 44 0.15 -21.77 3.40
CA LEU A 44 0.84 -20.64 4.00
C LEU A 44 2.35 -20.76 3.87
N GLN A 45 2.88 -21.96 3.99
CA GLN A 45 4.31 -22.17 3.82
C GLN A 45 4.74 -21.87 2.38
N SER A 46 3.90 -22.24 1.42
CA SER A 46 4.15 -21.94 0.02
C SER A 46 4.11 -20.43 -0.22
N LEU A 47 3.10 -19.77 0.34
CA LEU A 47 2.99 -18.33 0.21
C LEU A 47 4.18 -17.61 0.81
N TYR A 48 4.65 -18.09 1.96
CA TYR A 48 5.80 -17.46 2.60
C TYR A 48 7.03 -17.54 1.71
N ALA A 49 7.26 -18.70 1.10
CA ALA A 49 8.39 -18.87 0.19
C ALA A 49 8.28 -17.97 -1.03
N THR A 50 7.09 -17.92 -1.62
CA THR A 50 6.85 -17.10 -2.81
C THR A 50 7.03 -15.61 -2.55
N PHE A 51 6.45 -15.13 -1.45
CA PHE A 51 6.56 -13.71 -1.12
C PHE A 51 7.95 -13.33 -0.63
N LYS A 52 8.70 -14.30 -0.15
CA LYS A 52 10.11 -14.07 0.16
C LYS A 52 10.87 -13.80 -1.14
N GLU A 53 10.51 -14.53 -2.19
CA GLU A 53 11.15 -14.30 -3.49
C GLU A 53 10.72 -12.96 -4.09
N PHE A 54 9.46 -12.59 -3.91
CA PHE A 54 8.99 -11.27 -4.32
C PHE A 54 9.83 -10.19 -3.63
N LYS A 55 10.06 -10.39 -2.33
CA LYS A 55 10.81 -9.44 -1.52
C LYS A 55 12.24 -9.29 -2.05
N MSE A 56 12.86 -10.43 -2.37
CA MSE A 56 14.19 -10.43 -2.96
C MSE A 56 14.19 -9.68 -4.28
O MSE A 56 15.11 -8.91 -4.57
CB MSE A 56 14.65 -11.87 -3.18
CG MSE A 56 16.06 -11.96 -3.73
SE MSE A 56 16.43 -13.75 -4.45
CE MSE A 56 15.32 -13.67 -6.06
N HIS A 57 13.16 -9.90 -5.09
CA HIS A 57 13.03 -9.24 -6.38
C HIS A 57 13.05 -7.72 -6.26
N GLU A 58 12.25 -7.18 -5.35
CA GLU A 58 12.18 -5.74 -5.15
C GLU A 58 13.51 -5.19 -4.62
N GLN A 59 14.17 -5.98 -3.76
CA GLN A 59 15.47 -5.60 -3.22
C GLN A 59 16.53 -5.52 -4.31
N ILE A 60 16.56 -6.52 -5.17
CA ILE A 60 17.50 -6.53 -6.30
C ILE A 60 17.28 -5.30 -7.16
N GLU A 61 16.03 -4.96 -7.41
CA GLU A 61 15.72 -3.77 -8.21
C GLU A 61 16.22 -2.50 -7.55
N ASN A 62 15.97 -2.35 -6.27
CA ASN A 62 16.40 -1.17 -5.53
C ASN A 62 17.91 -1.00 -5.58
N GLU A 63 18.63 -2.09 -5.40
CA GLU A 63 20.08 -2.06 -5.27
C GLU A 63 20.80 -1.94 -6.62
N TYR A 64 20.31 -2.67 -7.61
CA TYR A 64 21.03 -2.79 -8.87
C TYR A 64 20.47 -1.97 -10.03
N ILE A 65 19.24 -1.48 -9.88
CA ILE A 65 18.59 -0.74 -10.95
C ILE A 65 18.14 0.65 -10.54
N ILE A 66 17.16 0.71 -9.64
CA ILE A 66 16.51 1.97 -9.29
C ILE A 66 17.45 2.95 -8.61
N GLY A 67 18.27 2.44 -7.70
CA GLY A 67 19.25 3.27 -7.03
C GLY A 67 20.11 4.00 -8.03
N LEU A 68 20.64 3.25 -9.00
CA LEU A 68 21.46 3.83 -10.07
C LEU A 68 20.67 4.87 -10.88
N LEU A 69 19.45 4.51 -11.26
CA LEU A 69 18.62 5.35 -12.11
C LEU A 69 18.28 6.68 -11.44
N GLN A 70 17.94 6.63 -10.16
CA GLN A 70 17.58 7.83 -9.42
C GLN A 70 18.76 8.77 -9.28
N GLN A 71 19.96 8.21 -9.15
CA GLN A 71 21.18 9.01 -9.04
C GLN A 71 21.44 9.82 -10.30
N ARG A 72 21.00 9.30 -11.44
CA ARG A 72 21.29 9.92 -12.73
C ARG A 72 20.18 10.82 -13.29
N SER A 73 18.93 10.44 -13.05
CA SER A 73 17.80 11.16 -13.64
C SER A 73 17.35 12.36 -12.81
N GLN A 74 17.31 12.20 -11.49
CA GLN A 74 16.93 13.29 -10.59
C GLN A 74 15.47 13.73 -10.75
N THR A 75 14.69 12.95 -11.49
CA THR A 75 13.31 13.33 -11.74
C THR A 75 12.32 12.27 -11.29
N ILE A 76 12.75 11.33 -10.46
CA ILE A 76 11.82 10.32 -9.94
C ILE A 76 11.44 10.62 -8.49
N TYR A 77 10.25 11.16 -8.30
CA TYR A 77 9.86 11.71 -7.01
C TYR A 77 9.22 10.75 -6.00
N ASN A 78 8.50 9.73 -6.48
CA ASN A 78 8.08 8.65 -5.58
C ASN A 78 8.65 7.29 -5.98
N VAL A 79 8.84 7.09 -7.28
CA VAL A 79 9.62 5.98 -7.81
C VAL A 79 9.00 4.61 -7.64
N HIS A 80 9.71 3.83 -6.84
CA HIS A 80 9.55 2.39 -6.75
C HIS A 80 8.69 2.03 -5.56
N SER A 81 7.41 1.77 -5.83
CA SER A 81 6.45 1.34 -4.82
C SER A 81 7.04 0.26 -3.91
N ASP A 82 6.35 -0.04 -2.81
CA ASP A 82 6.87 -0.98 -1.82
C ASP A 82 6.16 -2.35 -1.89
N ASN A 83 4.91 -2.35 -2.34
CA ASN A 83 4.12 -3.57 -2.46
C ASN A 83 3.72 -4.21 -1.13
N LYS A 84 4.15 -3.60 -0.02
CA LYS A 84 3.74 -4.06 1.31
C LYS A 84 4.09 -5.52 1.57
N LEU A 85 5.26 -5.95 1.11
CA LEU A 85 5.63 -7.36 1.21
C LEU A 85 5.86 -7.83 2.65
N SER A 86 6.50 -6.98 3.46
CA SER A 86 6.77 -7.33 4.85
C SER A 86 5.47 -7.61 5.60
N GLU A 87 4.42 -6.89 5.24
CA GLU A 87 3.13 -7.04 5.90
C GLU A 87 2.38 -8.26 5.38
N MSE A 88 2.61 -8.64 4.12
CA MSE A 88 2.08 -9.90 3.59
C MSE A 88 2.71 -11.06 4.34
O MSE A 88 2.04 -11.99 4.77
CB MSE A 88 2.35 -10.03 2.09
CG MSE A 88 1.62 -9.01 1.24
SE MSE A 88 -0.32 -9.05 1.47
CE MSE A 88 -0.68 -10.87 0.85
N LEU A 89 4.04 -10.98 4.50
CA LEU A 89 4.78 -12.02 5.20
C LEU A 89 4.35 -12.16 6.66
N SER A 90 4.10 -11.02 7.31
CA SER A 90 3.64 -11.03 8.70
C SER A 90 2.25 -11.65 8.81
N LEU A 91 1.40 -11.42 7.81
CA LEU A 91 0.09 -12.06 7.77
C LEU A 91 0.21 -13.59 7.72
N PHE A 92 1.06 -14.09 6.82
CA PHE A 92 1.28 -15.53 6.71
C PHE A 92 1.81 -16.11 8.02
N GLU A 93 2.75 -15.39 8.63
CA GLU A 93 3.33 -15.81 9.90
C GLU A 93 2.28 -15.98 10.98
N LYS A 94 1.34 -15.04 11.06
CA LYS A 94 0.28 -15.11 12.05
C LYS A 94 -0.62 -16.32 11.83
N GLY A 95 -0.82 -16.69 10.57
CA GLY A 95 -1.61 -17.86 10.25
C GLY A 95 -0.90 -19.13 10.65
N LEU A 96 0.42 -19.15 10.50
CA LEU A 96 1.22 -20.33 10.81
C LEU A 96 1.41 -20.49 12.32
N LYS A 97 1.36 -19.38 13.04
CA LYS A 97 1.64 -19.40 14.47
C LYS A 97 0.39 -19.42 15.35
N ASN A 98 -0.67 -18.76 14.92
CA ASN A 98 -1.84 -18.53 15.78
C ASN A 98 -3.11 -19.30 15.42
N VAL A 99 -3.17 -19.84 14.21
CA VAL A 99 -4.34 -20.56 13.76
C VAL A 99 -4.24 -22.04 14.10
N LYS A 100 -5.17 -22.53 14.92
CA LYS A 100 -5.10 -23.89 15.43
C LYS A 100 -6.25 -24.78 14.95
N ASN A 101 -7.46 -24.22 14.92
CA ASN A 101 -8.63 -25.01 14.59
C ASN A 101 -9.39 -24.53 13.36
N GLU A 102 -10.44 -25.25 13.01
CA GLU A 102 -11.21 -25.01 11.79
C GLU A 102 -11.88 -23.65 11.76
N TYR A 103 -12.42 -23.21 12.89
CA TYR A 103 -13.05 -21.90 12.97
C TYR A 103 -12.04 -20.81 12.61
N GLU A 104 -10.86 -20.90 13.21
CA GLU A 104 -9.80 -19.92 12.96
C GLU A 104 -9.29 -20.00 11.53
N GLN A 105 -9.18 -21.22 11.00
CA GLN A 105 -8.71 -21.40 9.63
C GLN A 105 -9.66 -20.75 8.60
N LEU A 106 -10.96 -20.93 8.80
CA LEU A 106 -11.94 -20.40 7.86
C LEU A 106 -12.13 -18.88 7.98
N ASN A 107 -12.03 -18.34 9.19
CA ASN A 107 -12.05 -16.89 9.36
C ASN A 107 -10.82 -16.27 8.72
N TYR A 108 -9.66 -16.87 8.96
CA TYR A 108 -8.41 -16.40 8.39
C TYR A 108 -8.44 -16.45 6.88
N ALA A 109 -9.01 -17.52 6.34
CA ALA A 109 -9.08 -17.73 4.89
C ALA A 109 -9.79 -16.58 4.18
N LYS A 110 -10.87 -16.09 4.78
CA LYS A 110 -11.61 -14.98 4.19
C LYS A 110 -10.71 -13.75 4.05
N GLN A 111 -9.96 -13.46 5.12
CA GLN A 111 -9.06 -12.31 5.12
C GLN A 111 -7.85 -12.52 4.21
N LEU A 112 -7.34 -13.74 4.17
CA LEU A 112 -6.20 -14.08 3.32
C LEU A 112 -6.54 -13.83 1.85
N LYS A 113 -7.70 -14.32 1.43
CA LYS A 113 -8.14 -14.17 0.05
C LYS A 113 -8.30 -12.70 -0.33
N GLU A 114 -8.94 -11.92 0.54
CA GLU A 114 -9.13 -10.49 0.30
C GLU A 114 -7.78 -9.80 0.13
N ARG A 115 -6.84 -10.16 1.00
CA ARG A 115 -5.56 -9.50 1.06
C ARG A 115 -4.69 -9.86 -0.16
N LEU A 116 -4.78 -11.12 -0.58
CA LEU A 116 -4.05 -11.56 -1.76
C LEU A 116 -4.59 -10.92 -3.03
N GLU A 117 -5.91 -10.84 -3.13
CA GLU A 117 -6.56 -10.18 -4.26
C GLU A 117 -6.08 -8.73 -4.35
N ALA A 118 -6.01 -8.07 -3.20
CA ALA A 118 -5.57 -6.68 -3.13
C ALA A 118 -4.12 -6.55 -3.54
N PHE A 119 -3.29 -7.48 -3.07
CA PHE A 119 -1.87 -7.44 -3.41
C PHE A 119 -1.65 -7.60 -4.92
N THR A 120 -2.28 -8.62 -5.50
CA THR A 120 -2.10 -8.94 -6.91
C THR A 120 -2.66 -7.85 -7.80
N ARG A 121 -3.65 -7.12 -7.28
CA ARG A 121 -4.28 -6.04 -8.03
C ARG A 121 -3.31 -4.86 -8.15
N ASP A 122 -2.41 -4.74 -7.19
CA ASP A 122 -1.40 -3.69 -7.21
C ASP A 122 -0.08 -4.14 -7.80
N PHE A 123 0.28 -5.41 -7.60
CA PHE A 123 1.54 -5.94 -8.07
C PHE A 123 1.68 -5.84 -9.59
N LEU A 124 0.61 -6.17 -10.30
CA LEU A 124 0.64 -6.21 -11.77
C LEU A 124 0.93 -4.85 -12.41
N PRO A 125 0.20 -3.79 -12.02
CA PRO A 125 0.49 -2.46 -12.54
C PRO A 125 1.88 -1.98 -12.14
N HIS A 126 2.33 -2.40 -10.97
CA HIS A 126 3.66 -2.05 -10.47
C HIS A 126 4.74 -2.56 -11.43
N MSE A 127 4.62 -3.82 -11.84
CA MSE A 127 5.55 -4.41 -12.79
C MSE A 127 5.41 -3.78 -14.17
O MSE A 127 6.41 -3.58 -14.86
CB MSE A 127 5.33 -5.92 -12.89
CG MSE A 127 5.81 -6.69 -11.68
SE MSE A 127 5.73 -8.61 -11.98
CE MSE A 127 3.82 -8.90 -11.68
N LYS A 128 4.18 -3.46 -14.56
CA LYS A 128 3.93 -2.83 -15.84
C LYS A 128 4.61 -1.47 -15.94
N GLU A 129 4.55 -0.71 -14.84
CA GLU A 129 5.19 0.61 -14.81
C GLU A 129 6.70 0.50 -14.99
N GLU A 130 7.32 -0.50 -14.38
CA GLU A 130 8.75 -0.67 -14.53
C GLU A 130 9.09 -0.91 -16.01
N GLU A 131 8.28 -1.74 -16.65
CA GLU A 131 8.51 -2.11 -18.04
C GLU A 131 8.24 -0.95 -19.00
N GLU A 132 7.21 -0.17 -18.72
CA GLU A 132 6.77 0.89 -19.62
C GLU A 132 7.39 2.25 -19.34
N VAL A 133 7.82 2.46 -18.10
CA VAL A 133 8.34 3.77 -17.71
C VAL A 133 9.82 3.73 -17.37
N PHE A 134 10.23 2.81 -16.51
CA PHE A 134 11.61 2.74 -16.05
C PHE A 134 12.57 2.25 -17.13
N GLN A 135 12.18 1.21 -17.88
CA GLN A 135 13.04 0.68 -18.93
C GLN A 135 13.42 1.73 -19.97
N PRO A 136 12.44 2.48 -20.49
CA PRO A 136 12.77 3.58 -21.41
C PRO A 136 13.72 4.59 -20.77
N MSE A 137 13.50 4.90 -19.50
CA MSE A 137 14.36 5.83 -18.79
C MSE A 137 15.79 5.31 -18.67
O MSE A 137 16.75 6.07 -18.85
CB MSE A 137 13.81 6.13 -17.39
CG MSE A 137 12.60 7.02 -17.40
SE MSE A 137 12.02 7.34 -15.57
CE MSE A 137 13.72 8.00 -14.87
N LEU A 138 15.94 4.02 -18.39
CA LEU A 138 17.26 3.41 -18.32
C LEU A 138 18.00 3.59 -19.65
N MSE A 139 17.25 3.46 -20.75
CA MSE A 139 17.80 3.62 -22.09
C MSE A 139 18.39 5.02 -22.29
O MSE A 139 19.32 5.21 -23.06
CB MSE A 139 16.71 3.37 -23.14
CG MSE A 139 16.08 1.99 -23.08
SE MSE A 139 17.37 0.61 -23.51
CE MSE A 139 16.26 -0.97 -23.33
N GLU A 140 17.82 5.99 -21.58
CA GLU A 140 18.24 7.37 -21.73
C GLU A 140 19.46 7.71 -20.87
N TYR A 141 19.48 7.22 -19.64
CA TYR A 141 20.48 7.64 -18.66
C TYR A 141 21.70 6.72 -18.56
N PHE A 142 21.66 5.60 -19.29
CA PHE A 142 22.78 4.67 -19.32
C PHE A 142 23.12 4.32 -20.76
N THR A 143 24.38 3.96 -21.01
CA THR A 143 24.75 3.46 -22.33
C THR A 143 24.23 2.04 -22.50
N TYR A 144 24.23 1.58 -23.74
CA TYR A 144 23.78 0.23 -24.07
C TYR A 144 24.60 -0.80 -23.31
N GLU A 145 25.92 -0.63 -23.34
CA GLU A 145 26.81 -1.57 -22.66
C GLU A 145 26.65 -1.52 -21.13
N GLU A 146 26.41 -0.33 -20.59
CA GLU A 146 26.13 -0.19 -19.16
C GLU A 146 24.89 -1.00 -18.76
N LEU A 147 23.86 -0.94 -19.60
CA LEU A 147 22.62 -1.66 -19.33
C LEU A 147 22.82 -3.17 -19.43
N LYS A 148 23.63 -3.59 -20.40
CA LYS A 148 23.98 -5.01 -20.52
C LYS A 148 24.58 -5.53 -19.23
N ASP A 149 25.49 -4.76 -18.65
CA ASP A 149 26.15 -5.15 -17.42
C ASP A 149 25.20 -5.15 -16.22
N ILE A 150 24.29 -4.18 -16.19
CA ILE A 150 23.27 -4.15 -15.15
C ILE A 150 22.41 -5.40 -15.24
N LYS A 151 21.99 -5.76 -16.44
CA LYS A 151 21.16 -6.95 -16.61
C LYS A 151 21.89 -8.19 -16.14
N LYS A 152 23.17 -8.31 -16.45
CA LYS A 152 23.96 -9.46 -16.03
C LYS A 152 23.93 -9.61 -14.51
N LYS A 153 24.10 -8.50 -13.80
CA LYS A 153 24.05 -8.51 -12.34
C LYS A 153 22.66 -8.86 -11.82
N VAL A 154 21.64 -8.27 -12.45
CA VAL A 154 20.26 -8.51 -12.06
C VAL A 154 19.88 -9.99 -12.21
N ILE A 155 20.27 -10.58 -13.34
CA ILE A 155 20.01 -11.99 -13.58
C ILE A 155 20.74 -12.88 -12.58
N ALA A 156 22.01 -12.54 -12.31
CA ALA A 156 22.83 -13.32 -11.39
C ALA A 156 22.20 -13.37 -10.00
N GLN A 157 21.66 -12.24 -9.55
CA GLN A 157 21.06 -12.16 -8.22
C GLN A 157 19.72 -12.90 -8.17
N HIS A 158 18.96 -12.85 -9.27
CA HIS A 158 17.67 -13.52 -9.32
C HIS A 158 17.79 -15.03 -9.42
N CYS A 159 18.85 -15.48 -10.07
CA CYS A 159 18.98 -16.90 -10.37
C CYS A 159 20.03 -17.58 -9.51
N SER A 160 20.13 -17.12 -8.26
CA SER A 160 21.01 -17.69 -7.24
C SER A 160 22.44 -17.16 -7.34
N PHE B 4 -26.66 2.36 12.25
CA PHE B 4 -26.41 2.29 13.69
C PHE B 4 -26.73 3.61 14.36
N PRO B 5 -27.21 3.55 15.61
CA PRO B 5 -27.48 4.78 16.37
C PRO B 5 -26.24 5.67 16.41
N GLU B 6 -26.46 6.98 16.29
CA GLU B 6 -25.35 7.94 16.22
C GLU B 6 -24.39 7.81 17.41
N GLU B 7 -24.94 7.62 18.61
CA GLU B 7 -24.12 7.66 19.82
C GLU B 7 -23.14 6.51 19.99
N VAL B 8 -23.26 5.47 19.16
CA VAL B 8 -22.31 4.35 19.20
C VAL B 8 -21.55 4.22 17.89
N ASP B 9 -21.75 5.20 17.00
CA ASP B 9 -21.10 5.19 15.69
C ASP B 9 -19.72 5.86 15.77
N VAL B 10 -18.66 5.06 15.68
CA VAL B 10 -17.32 5.57 15.89
C VAL B 10 -16.58 5.99 14.62
N PHE B 11 -17.23 5.84 13.46
CA PHE B 11 -16.56 6.12 12.19
C PHE B 11 -17.20 7.25 11.37
N THR B 12 -18.51 7.37 11.41
CA THR B 12 -19.22 8.24 10.47
C THR B 12 -18.79 9.72 10.51
N ALA B 13 -18.74 10.31 11.70
CA ALA B 13 -18.34 11.71 11.80
C ALA B 13 -16.89 11.97 11.37
N PRO B 14 -15.94 11.17 11.91
CA PRO B 14 -14.55 11.35 11.46
C PRO B 14 -14.42 11.19 9.94
N HIS B 15 -15.14 10.22 9.37
CA HIS B 15 -15.10 10.00 7.94
C HIS B 15 -15.76 11.12 7.13
N TRP B 16 -16.76 11.78 7.72
CA TRP B 16 -17.35 12.94 7.09
C TRP B 16 -16.27 14.00 6.88
N ARG B 17 -15.46 14.20 7.91
CA ARG B 17 -14.35 15.15 7.86
C ARG B 17 -13.28 14.71 6.86
N MSE B 18 -12.89 13.44 6.90
CA MSE B 18 -11.87 12.97 5.98
C MSE B 18 -12.34 13.11 4.52
O MSE B 18 -11.58 13.51 3.65
CB MSE B 18 -11.45 11.52 6.30
CG MSE B 18 -10.99 11.29 7.74
SE MSE B 18 -9.71 12.63 8.40
CE MSE B 18 -10.40 12.82 10.21
N LYS B 19 -13.61 12.79 4.28
CA LYS B 19 -14.19 12.91 2.94
C LYS B 19 -14.27 14.36 2.50
N GLN B 20 -14.57 15.25 3.45
CA GLN B 20 -14.58 16.68 3.18
C GLN B 20 -13.20 17.13 2.71
N LEU B 21 -12.17 16.68 3.42
CA LEU B 21 -10.80 17.01 3.08
C LEU B 21 -10.39 16.46 1.72
N VAL B 22 -10.82 15.24 1.41
CA VAL B 22 -10.53 14.66 0.09
C VAL B 22 -11.13 15.54 -0.99
N GLY B 23 -12.39 15.92 -0.80
CA GLY B 23 -13.07 16.77 -1.75
C GLY B 23 -12.33 18.08 -1.95
N LEU B 24 -11.84 18.64 -0.85
CA LEU B 24 -11.14 19.92 -0.88
C LEU B 24 -9.82 19.85 -1.66
N TYR B 25 -9.03 18.81 -1.44
CA TYR B 25 -7.76 18.73 -2.16
C TYR B 25 -7.93 18.36 -3.63
N CYS B 26 -8.96 17.59 -3.96
CA CYS B 26 -9.28 17.32 -5.35
C CYS B 26 -9.62 18.62 -6.09
N ASP B 27 -10.43 19.47 -5.46
CA ASP B 27 -10.75 20.78 -6.00
C ASP B 27 -9.48 21.61 -6.21
N LYS B 28 -8.67 21.72 -5.16
CA LYS B 28 -7.46 22.51 -5.22
C LYS B 28 -6.52 21.99 -6.30
N LEU B 29 -6.34 20.67 -6.36
CA LEU B 29 -5.48 20.05 -7.35
C LEU B 29 -5.91 20.42 -8.76
N SER B 30 -7.22 20.37 -9.01
CA SER B 30 -7.75 20.59 -10.35
C SER B 30 -7.58 22.03 -10.81
N LYS B 31 -7.52 22.95 -9.86
CA LYS B 31 -7.45 24.38 -10.18
C LYS B 31 -6.01 24.90 -10.15
N THR B 32 -5.09 24.09 -9.62
CA THR B 32 -3.73 24.52 -9.44
C THR B 32 -2.99 24.68 -10.77
N ASN B 33 -2.31 25.81 -10.94
CA ASN B 33 -1.42 26.02 -12.08
C ASN B 33 -0.02 25.53 -11.73
N PHE B 34 0.33 24.34 -12.22
CA PHE B 34 1.60 23.71 -11.85
C PHE B 34 2.83 24.40 -12.45
N SER B 35 2.61 25.34 -13.36
CA SER B 35 3.71 26.12 -13.92
C SER B 35 4.07 27.29 -13.01
N ASN B 36 3.19 27.59 -12.06
CA ASN B 36 3.40 28.69 -11.13
C ASN B 36 3.90 28.19 -9.77
N ASN B 37 5.08 28.65 -9.37
CA ASN B 37 5.71 28.18 -8.15
C ASN B 37 4.89 28.44 -6.89
N ASN B 38 4.22 29.59 -6.83
CA ASN B 38 3.37 29.91 -5.69
C ASN B 38 2.16 28.99 -5.56
N ASP B 39 1.49 28.72 -6.68
CA ASP B 39 0.38 27.77 -6.70
C ASP B 39 0.87 26.37 -6.31
N PHE B 40 2.02 26.01 -6.85
CA PHE B 40 2.62 24.71 -6.62
C PHE B 40 2.89 24.49 -5.14
N ARG B 41 3.63 25.40 -4.52
CA ARG B 41 4.00 25.27 -3.11
C ARG B 41 2.77 25.32 -2.20
N ALA B 42 1.80 26.17 -2.55
CA ALA B 42 0.59 26.29 -1.75
C ALA B 42 -0.18 24.97 -1.74
N LEU B 43 -0.24 24.31 -2.90
CA LEU B 43 -0.89 23.02 -3.00
C LEU B 43 -0.21 21.98 -2.10
N LEU B 44 1.12 21.92 -2.16
CA LEU B 44 1.86 20.93 -1.39
C LEU B 44 1.73 21.17 0.12
N GLN B 45 1.75 22.43 0.53
CA GLN B 45 1.57 22.75 1.94
C GLN B 45 0.18 22.35 2.44
N SER B 46 -0.83 22.57 1.59
CA SER B 46 -2.19 22.17 1.91
C SER B 46 -2.31 20.67 2.02
N LEU B 47 -1.70 19.96 1.08
CA LEU B 47 -1.71 18.50 1.10
C LEU B 47 -1.02 17.97 2.35
N TYR B 48 0.09 18.59 2.73
CA TYR B 48 0.82 18.14 3.91
C TYR B 48 -0.04 18.25 5.16
N ALA B 49 -0.75 19.36 5.30
CA ALA B 49 -1.65 19.54 6.44
C ALA B 49 -2.78 18.52 6.43
N THR B 50 -3.39 18.33 5.26
CA THR B 50 -4.51 17.39 5.14
C THR B 50 -4.09 15.96 5.46
N PHE B 51 -2.94 15.53 4.92
CA PHE B 51 -2.49 14.16 5.15
C PHE B 51 -1.97 13.94 6.56
N LYS B 52 -1.55 15.02 7.23
CA LYS B 52 -1.21 14.92 8.65
C LYS B 52 -2.47 14.63 9.46
N GLU B 53 -3.59 15.24 9.07
CA GLU B 53 -4.85 14.97 9.74
C GLU B 53 -5.31 13.53 9.45
N PHE B 54 -5.10 13.07 8.23
CA PHE B 54 -5.38 11.67 7.90
C PHE B 54 -4.56 10.74 8.80
N LYS B 55 -3.29 11.07 8.97
CA LYS B 55 -2.40 10.24 9.79
C LYS B 55 -2.89 10.17 11.22
N MSE B 56 -3.31 11.32 11.74
CA MSE B 56 -3.87 11.40 13.08
C MSE B 56 -5.13 10.56 13.19
O MSE B 56 -5.34 9.87 14.19
CB MSE B 56 -4.20 12.84 13.44
CG MSE B 56 -4.85 12.98 14.80
SE MSE B 56 -5.65 14.71 15.11
CE MSE B 56 -7.26 14.55 13.99
N HIS B 57 -5.96 10.61 12.16
CA HIS B 57 -7.17 9.82 12.12
C HIS B 57 -6.89 8.34 12.26
N GLU B 58 -5.94 7.84 11.47
CA GLU B 58 -5.59 6.42 11.51
C GLU B 58 -5.02 6.04 12.87
N GLN B 59 -4.22 6.93 13.45
CA GLN B 59 -3.61 6.70 14.75
C GLN B 59 -4.66 6.59 15.85
N ILE B 60 -5.63 7.51 15.82
CA ILE B 60 -6.72 7.49 16.78
C ILE B 60 -7.46 6.15 16.71
N GLU B 61 -7.75 5.71 15.49
CA GLU B 61 -8.43 4.43 15.31
C GLU B 61 -7.62 3.27 15.89
N ASN B 62 -6.31 3.27 15.62
CA ASN B 62 -5.44 2.23 16.15
C ASN B 62 -5.43 2.18 17.68
N GLU B 63 -5.37 3.36 18.29
CA GLU B 63 -5.17 3.46 19.73
C GLU B 63 -6.47 3.36 20.53
N TYR B 64 -7.58 3.74 19.92
CA TYR B 64 -8.84 3.85 20.66
C TYR B 64 -9.91 2.85 20.22
N ILE B 65 -9.74 2.25 19.05
CA ILE B 65 -10.77 1.37 18.50
C ILE B 65 -10.27 -0.02 18.14
N ILE B 66 -9.35 -0.08 17.17
CA ILE B 66 -8.93 -1.34 16.57
C ILE B 66 -8.20 -2.27 17.56
N GLY B 67 -7.28 -1.71 18.34
CA GLY B 67 -6.56 -2.50 19.32
C GLY B 67 -7.52 -3.27 20.21
N LEU B 68 -8.46 -2.54 20.80
CA LEU B 68 -9.48 -3.13 21.65
C LEU B 68 -10.30 -4.20 20.93
N LEU B 69 -10.74 -3.88 19.72
CA LEU B 69 -11.58 -4.79 18.96
C LEU B 69 -10.86 -6.12 18.69
N GLN B 70 -9.61 -6.04 18.29
CA GLN B 70 -8.83 -7.23 17.97
C GLN B 70 -8.65 -8.14 19.16
N GLN B 71 -8.38 -7.54 20.33
CA GLN B 71 -8.16 -8.33 21.52
C GLN B 71 -9.41 -9.08 21.93
N ARG B 72 -10.56 -8.43 21.84
CA ARG B 72 -11.81 -9.05 22.25
C ARG B 72 -12.31 -10.10 21.25
N SER B 73 -12.10 -9.85 19.96
CA SER B 73 -12.61 -10.76 18.93
C SER B 73 -11.61 -11.86 18.58
N GLN B 74 -10.32 -11.53 18.66
CA GLN B 74 -9.26 -12.40 18.15
C GLN B 74 -9.61 -13.08 16.84
N THR B 75 -10.06 -12.30 15.87
CA THR B 75 -10.36 -12.82 14.54
C THR B 75 -10.04 -11.80 13.44
N ILE B 76 -9.23 -10.81 13.79
CA ILE B 76 -8.74 -9.86 12.81
C ILE B 76 -7.26 -10.09 12.55
N TYR B 77 -6.95 -10.68 11.40
CA TYR B 77 -5.62 -11.22 11.17
C TYR B 77 -4.65 -10.29 10.47
N ASN B 78 -5.11 -9.59 9.44
CA ASN B 78 -4.23 -8.67 8.72
C ASN B 78 -4.33 -7.24 9.23
N VAL B 79 -5.51 -6.83 9.64
CA VAL B 79 -5.63 -5.65 10.49
C VAL B 79 -5.48 -4.32 9.78
N HIS B 80 -6.29 -3.36 10.22
CA HIS B 80 -6.21 -1.96 9.85
C HIS B 80 -4.97 -1.53 9.05
N SER B 81 -5.17 -1.23 7.77
CA SER B 81 -4.13 -0.73 6.89
C SER B 81 -3.74 0.69 7.27
N ASP B 82 -2.55 1.12 6.86
CA ASP B 82 -2.05 2.46 7.20
C ASP B 82 -2.14 3.44 6.02
N ASN B 83 -2.59 2.94 4.87
CA ASN B 83 -2.83 3.78 3.71
C ASN B 83 -1.60 4.47 3.12
N LYS B 84 -0.41 4.02 3.54
CA LYS B 84 0.83 4.57 3.03
C LYS B 84 0.91 6.08 3.23
N LEU B 85 0.42 6.56 4.37
CA LEU B 85 0.38 8.00 4.65
C LEU B 85 1.78 8.58 4.82
N SER B 86 2.66 7.83 5.46
CA SER B 86 4.05 8.25 5.64
C SER B 86 4.70 8.52 4.30
N GLU B 87 4.43 7.65 3.33
CA GLU B 87 5.00 7.79 1.99
C GLU B 87 4.45 9.02 1.27
N MSE B 88 3.15 9.28 1.44
CA MSE B 88 2.52 10.45 0.83
C MSE B 88 3.14 11.72 1.37
O MSE B 88 3.49 12.64 0.61
CB MSE B 88 1.02 10.45 1.08
CG MSE B 88 0.26 9.28 0.48
SE MSE B 88 0.46 9.16 -1.46
CE MSE B 88 -0.19 10.94 -1.94
N LEU B 89 3.28 11.80 2.69
CA LEU B 89 3.88 12.97 3.33
C LEU B 89 5.31 13.18 2.86
N SER B 90 6.06 12.09 2.71
CA SER B 90 7.43 12.17 2.23
C SER B 90 7.48 12.71 0.80
N LEU B 91 6.49 12.33 -0.01
CA LEU B 91 6.41 12.84 -1.37
C LEU B 91 6.20 14.36 -1.38
N PHE B 92 5.26 14.84 -0.57
CA PHE B 92 4.99 16.27 -0.51
C PHE B 92 6.23 17.02 -0.04
N GLU B 93 6.90 16.46 0.97
CA GLU B 93 8.09 17.08 1.54
C GLU B 93 9.18 17.22 0.49
N LYS B 94 9.34 16.21 -0.34
CA LYS B 94 10.36 16.22 -1.39
C LYS B 94 10.04 17.31 -2.42
N GLY B 95 8.76 17.53 -2.67
CA GLY B 95 8.34 18.57 -3.59
C GLY B 95 8.63 19.96 -3.07
N LEU B 96 8.44 20.16 -1.76
CA LEU B 96 8.67 21.44 -1.14
C LEU B 96 10.16 21.74 -0.97
N LYS B 97 10.95 20.69 -0.83
CA LYS B 97 12.37 20.81 -0.56
C LYS B 97 13.19 20.95 -1.83
N ASN B 98 12.88 20.15 -2.84
CA ASN B 98 13.77 19.99 -3.99
C ASN B 98 13.32 20.65 -5.30
N VAL B 99 12.01 20.83 -5.47
CA VAL B 99 11.48 21.37 -6.71
C VAL B 99 11.63 22.89 -6.79
N LYS B 100 12.38 23.35 -7.79
CA LYS B 100 12.76 24.76 -7.87
C LYS B 100 12.21 25.48 -9.11
N ASN B 101 12.17 24.78 -10.25
CA ASN B 101 11.73 25.41 -11.49
C ASN B 101 10.56 24.71 -12.18
N GLU B 102 10.15 25.26 -13.32
CA GLU B 102 8.95 24.80 -14.02
C GLU B 102 9.06 23.38 -14.55
N TYR B 103 10.24 22.99 -15.02
CA TYR B 103 10.44 21.63 -15.50
C TYR B 103 10.23 20.64 -14.36
N GLU B 104 10.83 20.93 -13.22
CA GLU B 104 10.72 20.09 -12.04
C GLU B 104 9.28 20.05 -11.53
N GLN B 105 8.61 21.20 -11.55
CA GLN B 105 7.22 21.29 -11.07
C GLN B 105 6.28 20.42 -11.89
N LEU B 106 6.44 20.47 -13.22
CA LEU B 106 5.57 19.73 -14.11
C LEU B 106 5.87 18.23 -14.10
N ASN B 107 7.14 17.87 -14.02
CA ASN B 107 7.50 16.47 -13.89
C ASN B 107 6.95 15.90 -12.58
N TYR B 108 7.13 16.65 -11.51
CA TYR B 108 6.63 16.27 -10.19
C TYR B 108 5.11 16.12 -10.24
N ALA B 109 4.45 17.07 -10.90
CA ALA B 109 2.99 17.11 -10.95
C ALA B 109 2.40 15.83 -11.53
N LYS B 110 3.02 15.30 -12.59
CA LYS B 110 2.53 14.07 -13.19
C LYS B 110 2.52 12.95 -12.17
N GLN B 111 3.58 12.88 -11.38
CA GLN B 111 3.74 11.84 -10.37
C GLN B 111 2.80 12.06 -9.19
N LEU B 112 2.66 13.31 -8.80
CA LEU B 112 1.78 13.67 -7.69
C LEU B 112 0.34 13.26 -7.99
N LYS B 113 -0.10 13.58 -9.20
CA LYS B 113 -1.47 13.26 -9.62
C LYS B 113 -1.71 11.76 -9.63
N GLU B 114 -0.76 11.01 -10.15
CA GLU B 114 -0.85 9.56 -10.18
C GLU B 114 -0.95 8.98 -8.77
N ARG B 115 -0.13 9.50 -7.86
CA ARG B 115 -0.10 8.98 -6.49
C ARG B 115 -1.34 9.35 -5.70
N LEU B 116 -1.84 10.57 -5.88
CA LEU B 116 -3.05 11.00 -5.19
C LEU B 116 -4.25 10.19 -5.67
N GLU B 117 -4.31 9.96 -6.98
CA GLU B 117 -5.37 9.15 -7.56
C GLU B 117 -5.36 7.75 -6.96
N ALA B 118 -4.16 7.19 -6.83
CA ALA B 118 -4.01 5.85 -6.26
C ALA B 118 -4.39 5.84 -4.78
N PHE B 119 -3.99 6.88 -4.07
CA PHE B 119 -4.32 6.97 -2.64
C PHE B 119 -5.83 7.05 -2.43
N THR B 120 -6.47 8.00 -3.11
CA THR B 120 -7.90 8.21 -2.94
C THR B 120 -8.67 6.95 -3.33
N ARG B 121 -8.18 6.26 -4.36
CA ARG B 121 -8.81 5.04 -4.82
C ARG B 121 -8.81 3.95 -3.74
N ASP B 122 -7.79 3.97 -2.88
CA ASP B 122 -7.67 2.98 -1.81
C ASP B 122 -8.28 3.45 -0.49
N PHE B 123 -8.26 4.77 -0.26
CA PHE B 123 -8.73 5.35 0.99
C PHE B 123 -10.23 5.13 1.20
N LEU B 124 -11.00 5.37 0.14
CA LEU B 124 -12.46 5.27 0.20
C LEU B 124 -12.95 3.87 0.62
N PRO B 125 -12.49 2.81 -0.07
CA PRO B 125 -12.88 1.45 0.33
C PRO B 125 -12.38 1.10 1.73
N HIS B 126 -11.24 1.66 2.12
CA HIS B 126 -10.69 1.45 3.45
C HIS B 126 -11.67 1.95 4.52
N MSE B 127 -12.21 3.15 4.30
CA MSE B 127 -13.19 3.72 5.22
C MSE B 127 -14.51 2.95 5.19
O MSE B 127 -15.16 2.76 6.23
CB MSE B 127 -13.44 5.20 4.90
CG MSE B 127 -12.30 6.11 5.29
SE MSE B 127 -12.78 7.98 5.07
CE MSE B 127 -12.49 8.16 3.14
N LYS B 128 -14.90 2.51 4.00
CA LYS B 128 -16.12 1.73 3.82
C LYS B 128 -16.05 0.42 4.61
N GLU B 129 -14.89 -0.23 4.60
CA GLU B 129 -14.71 -1.46 5.35
C GLU B 129 -14.94 -1.26 6.84
N GLU B 130 -14.39 -0.18 7.37
CA GLU B 130 -14.55 0.10 8.80
C GLU B 130 -16.03 0.25 9.16
N GLU B 131 -16.74 1.01 8.35
CA GLU B 131 -18.16 1.25 8.57
C GLU B 131 -19.01 0.00 8.38
N GLU B 132 -18.64 -0.84 7.41
CA GLU B 132 -19.44 -2.00 7.06
C GLU B 132 -19.05 -3.29 7.78
N VAL B 133 -17.80 -3.37 8.21
CA VAL B 133 -17.30 -4.58 8.85
C VAL B 133 -16.96 -4.39 10.33
N PHE B 134 -16.18 -3.35 10.63
CA PHE B 134 -15.73 -3.13 12.01
C PHE B 134 -16.83 -2.64 12.94
N GLN B 135 -17.68 -1.73 12.47
CA GLN B 135 -18.77 -1.23 13.28
C GLN B 135 -19.70 -2.34 13.78
N PRO B 136 -20.15 -3.22 12.88
CA PRO B 136 -20.97 -4.36 13.32
C PRO B 136 -20.23 -5.23 14.34
N MSE B 137 -18.94 -5.42 14.14
CA MSE B 137 -18.13 -6.21 15.06
C MSE B 137 -18.06 -5.56 16.44
O MSE B 137 -18.08 -6.25 17.46
CB MSE B 137 -16.72 -6.41 14.53
CG MSE B 137 -16.62 -7.39 13.40
SE MSE B 137 -14.75 -7.67 12.93
CE MSE B 137 -14.12 -8.36 14.65
N LEU B 138 -17.94 -4.24 16.46
CA LEU B 138 -17.93 -3.51 17.72
C LEU B 138 -19.22 -3.77 18.49
N MSE B 139 -20.34 -3.77 17.76
CA MSE B 139 -21.65 -4.03 18.35
C MSE B 139 -21.67 -5.37 19.05
O MSE B 139 -22.36 -5.55 20.07
CB MSE B 139 -22.73 -4.01 17.27
CG MSE B 139 -22.76 -2.74 16.43
SE MSE B 139 -23.34 -1.18 17.44
CE MSE B 139 -25.18 -1.72 17.81
N GLU B 140 -20.94 -6.33 18.51
CA GLU B 140 -20.95 -7.70 19.04
C GLU B 140 -20.09 -7.86 20.27
N TYR B 141 -18.90 -7.26 20.25
CA TYR B 141 -17.89 -7.52 21.28
C TYR B 141 -17.85 -6.49 22.41
N PHE B 142 -18.67 -5.46 22.30
CA PHE B 142 -18.75 -4.44 23.33
C PHE B 142 -20.21 -4.18 23.70
N THR B 143 -20.45 -3.73 24.92
CA THR B 143 -21.79 -3.33 25.30
C THR B 143 -22.11 -1.98 24.65
N TYR B 144 -23.39 -1.64 24.63
CA TYR B 144 -23.83 -0.38 24.05
C TYR B 144 -23.16 0.80 24.76
N GLU B 145 -23.17 0.76 26.09
CA GLU B 145 -22.57 1.83 26.88
C GLU B 145 -21.05 1.93 26.67
N GLU B 146 -20.40 0.77 26.50
CA GLU B 146 -18.96 0.75 26.22
C GLU B 146 -18.65 1.47 24.91
N LEU B 147 -19.49 1.25 23.90
CA LEU B 147 -19.28 1.87 22.60
C LEU B 147 -19.54 3.37 22.67
N LYS B 148 -20.54 3.75 23.45
CA LYS B 148 -20.81 5.16 23.70
C LYS B 148 -19.56 5.84 24.25
N ASP B 149 -18.91 5.17 25.20
CA ASP B 149 -17.69 5.68 25.81
C ASP B 149 -16.55 5.77 24.81
N ILE B 150 -16.41 4.75 23.97
CA ILE B 150 -15.37 4.76 22.95
C ILE B 150 -15.59 5.92 21.98
N LYS B 151 -16.83 6.11 21.56
CA LYS B 151 -17.12 7.21 20.63
C LYS B 151 -16.75 8.54 21.28
N LYS B 152 -17.11 8.71 22.54
CA LYS B 152 -16.80 9.93 23.26
C LYS B 152 -15.29 10.22 23.18
N LYS B 153 -14.49 9.18 23.42
CA LYS B 153 -13.03 9.31 23.35
C LYS B 153 -12.56 9.63 21.93
N VAL B 154 -13.13 8.94 20.95
CA VAL B 154 -12.75 9.10 19.56
C VAL B 154 -13.04 10.52 19.06
N ILE B 155 -14.23 11.02 19.38
CA ILE B 155 -14.60 12.39 19.01
C ILE B 155 -13.68 13.40 19.68
N ALA B 156 -13.35 13.15 20.94
CA ALA B 156 -12.46 14.04 21.69
C ALA B 156 -11.09 14.18 21.01
N GLN B 157 -10.52 13.07 20.56
CA GLN B 157 -9.21 13.10 19.93
C GLN B 157 -9.25 13.80 18.58
N HIS B 158 -10.36 13.62 17.86
CA HIS B 158 -10.53 14.20 16.53
C HIS B 158 -10.82 15.69 16.55
N CYS B 159 -11.53 16.14 17.59
CA CYS B 159 -12.10 17.48 17.58
C CYS B 159 -11.52 18.44 18.62
N SER B 160 -10.38 18.08 19.21
CA SER B 160 -9.70 18.95 20.15
C SER B 160 -8.76 19.91 19.42
FE FE C . 9.50 -3.55 -8.38
FE FE D . 9.79 -5.69 -10.75
FE FE E . -8.66 3.64 9.15
FE FE F . -11.24 5.57 9.31
#